data_3P4U
#
_entry.id   3P4U
#
_cell.length_a   55.455
_cell.length_b   89.500
_cell.length_c   61.245
_cell.angle_alpha   90.00
_cell.angle_beta   111.73
_cell.angle_gamma   90.00
#
_symmetry.space_group_name_H-M   'P 1 21 1'
#
loop_
_entity.id
_entity.type
_entity.pdbx_description
1 polymer Caspase-6
2 polymer Caspase-6
3 polymer 'Ac-VEID-CHO inhibitor'
4 water water
#
loop_
_entity_poly.entity_id
_entity_poly.type
_entity_poly.pdbx_seq_one_letter_code
_entity_poly.pdbx_strand_id
1 'polypeptide(L)'
;DAFYKREMFDPAEKYKMDHRRRGIALIFNHERFFWHLTLPERRGT(CAS)ADRDNLTRRFSDLGFEVK(CAS)FNDLKAE
ELLLKIHEVSTVSHADADCFVCVFLSHGEGNHIYAYDAKIEIQTLTGLFKGDKCHSLVGKPKIFIIQACRGNQHDVPVIP
LDVVD
;
A,C
2 'polypeptide(L)'
;DAASVYTLPAGADFLMCYSVAEGYYSHRETVNGSWYIQDLCEMLGKYGSSLEFTELLTLVNRKVSQRRVDF(CAS)KDPS
AIGKKQVP(CAS)FASMLTKKLHFFPKSNRHHHHHH
;
B,D
3 'polypeptide(L)' (ACE)VEI(ASJ) E,F
#
# COMPACT_ATOMS: atom_id res chain seq x y z
N PHE A 9 -23.07 6.88 8.76
CA PHE A 9 -21.66 6.71 8.31
C PHE A 9 -20.95 8.06 8.37
N ASP A 10 -19.86 8.11 9.14
CA ASP A 10 -19.12 9.36 9.36
C ASP A 10 -17.82 9.36 8.55
N PRO A 11 -17.77 10.15 7.46
CA PRO A 11 -16.54 10.22 6.67
C PRO A 11 -15.34 10.84 7.39
N ALA A 12 -15.55 11.44 8.55
CA ALA A 12 -14.47 12.04 9.33
C ALA A 12 -14.06 11.17 10.53
N GLU A 13 -14.61 9.96 10.63
CA GLU A 13 -14.34 9.12 11.80
C GLU A 13 -12.85 8.88 12.00
N LYS A 14 -12.41 9.00 13.26
CA LYS A 14 -11.02 8.84 13.66
C LYS A 14 -10.89 7.65 14.60
N TYR A 15 -9.72 7.00 14.60
CA TYR A 15 -9.41 6.03 15.64
C TYR A 15 -9.45 6.72 16.99
N LYS A 16 -9.95 6.01 18.00
CA LYS A 16 -9.93 6.52 19.38
C LYS A 16 -8.49 6.47 19.88
N MET A 17 -7.92 7.64 20.14
CA MET A 17 -6.54 7.72 20.59
C MET A 17 -6.47 8.35 21.99
N ASP A 18 -7.41 7.94 22.85
CA ASP A 18 -7.54 8.49 24.20
C ASP A 18 -7.31 7.46 25.30
N HIS A 19 -6.54 6.42 24.98
CA HIS A 19 -6.19 5.39 25.97
C HIS A 19 -5.15 5.92 26.95
N ARG A 20 -4.91 5.18 28.02
CA ARG A 20 -3.94 5.60 29.03
C ARG A 20 -2.56 5.81 28.41
N ARG A 21 -2.17 4.90 27.51
CA ARG A 21 -0.86 4.93 26.85
C ARG A 21 -0.99 5.07 25.33
N ARG A 22 -0.04 5.76 24.70
CA ARG A 22 0.06 5.73 23.24
C ARG A 22 0.31 4.30 22.77
N GLY A 23 1.25 3.63 23.43
CA GLY A 23 1.60 2.28 23.09
C GLY A 23 3.09 2.13 22.83
N ILE A 24 3.46 0.92 22.43
CA ILE A 24 4.86 0.58 22.25
C ILE A 24 5.30 0.83 20.81
N ALA A 25 6.53 1.31 20.67
CA ALA A 25 7.22 1.39 19.39
C ALA A 25 8.50 0.58 19.49
N LEU A 26 8.53 -0.57 18.81
CA LEU A 26 9.73 -1.40 18.75
C LEU A 26 10.60 -0.97 17.61
N ILE A 27 11.91 -0.94 17.82
CA ILE A 27 12.87 -0.66 16.76
C ILE A 27 13.91 -1.77 16.70
N PHE A 28 13.92 -2.48 15.59
CA PHE A 28 14.96 -3.48 15.33
C PHE A 28 16.00 -2.87 14.41
N ASN A 29 17.16 -2.59 15.01
CA ASN A 29 18.27 -1.90 14.36
C ASN A 29 19.42 -2.86 14.03
N HIS A 30 19.68 -3.03 12.74
CA HIS A 30 20.69 -3.97 12.27
C HIS A 30 21.81 -3.27 11.52
N GLU A 31 23.01 -3.30 12.11
CA GLU A 31 24.17 -2.58 11.56
C GLU A 31 25.17 -3.50 10.88
N ARG A 32 25.39 -4.69 11.44
CA ARG A 32 26.37 -5.65 10.91
C ARG A 32 25.71 -7.02 10.85
N PHE A 33 26.27 -7.89 10.02
CA PHE A 33 25.64 -9.18 9.71
C PHE A 33 26.64 -10.31 9.74
N PHE A 34 26.15 -11.52 9.98
CA PHE A 34 27.01 -12.70 9.99
C PHE A 34 27.86 -12.70 8.72
N TRP A 35 29.15 -12.97 8.87
CA TRP A 35 30.11 -12.77 7.79
C TRP A 35 29.67 -13.45 6.50
N HIS A 36 29.10 -14.65 6.62
CA HIS A 36 28.79 -15.46 5.44
C HIS A 36 27.53 -15.04 4.67
N LEU A 37 26.77 -14.08 5.20
CA LEU A 37 25.67 -13.50 4.44
C LEU A 37 26.19 -12.55 3.36
N THR A 38 27.44 -12.11 3.53
CA THR A 38 28.10 -11.23 2.57
C THR A 38 27.34 -9.91 2.42
N LEU A 39 26.92 -9.35 3.55
CA LEU A 39 26.18 -8.08 3.57
C LEU A 39 27.05 -7.00 4.20
N PRO A 40 27.17 -5.84 3.53
CA PRO A 40 28.01 -4.79 4.10
C PRO A 40 27.40 -4.15 5.35
N GLU A 41 28.25 -3.56 6.18
CA GLU A 41 27.80 -2.79 7.35
C GLU A 41 26.86 -1.67 6.93
N ARG A 42 25.92 -1.31 7.80
CA ARG A 42 24.98 -0.25 7.49
C ARG A 42 25.27 1.00 8.32
N ARG A 43 26.39 1.66 8.02
CA ARG A 43 26.76 2.90 8.70
C ARG A 43 25.65 3.92 8.53
N GLY A 44 25.37 4.64 9.62
CA GLY A 44 24.27 5.60 9.63
C GLY A 44 23.00 5.05 10.26
N THR A 45 22.93 3.74 10.48
CA THR A 45 21.67 3.17 11.01
C THR A 45 21.39 3.58 12.45
N ALA A 47 22.08 6.41 13.69
CA ALA A 47 21.49 7.75 13.52
C ALA A 47 19.97 7.64 13.32
N ASP A 48 19.55 6.73 12.45
CA ASP A 48 18.12 6.48 12.24
C ASP A 48 17.42 6.04 13.51
N ARG A 49 18.01 5.06 14.20
CA ARG A 49 17.45 4.54 15.43
C ARG A 49 17.23 5.66 16.45
N ASP A 50 18.24 6.52 16.62
CA ASP A 50 18.17 7.61 17.62
C ASP A 50 17.16 8.68 17.22
N ASN A 51 17.11 9.01 15.93
CA ASN A 51 16.15 9.97 15.37
C ASN A 51 14.71 9.51 15.61
N LEU A 52 14.46 8.24 15.29
CA LEU A 52 13.13 7.64 15.48
C LEU A 52 12.75 7.59 16.95
N THR A 53 13.71 7.25 17.81
CA THR A 53 13.47 7.18 19.24
C THR A 53 12.98 8.53 19.76
N ARG A 54 13.62 9.61 19.33
CA ARG A 54 13.23 10.95 19.77
C ARG A 54 11.84 11.32 19.27
N ARG A 55 11.61 11.15 17.96
CA ARG A 55 10.32 11.55 17.38
C ARG A 55 9.15 10.73 17.92
N PHE A 56 9.34 9.43 18.06
CA PHE A 56 8.27 8.58 18.59
C PHE A 56 8.06 8.79 20.10
N SER A 57 9.14 9.00 20.85
CA SER A 57 9.01 9.36 22.27
C SER A 57 8.17 10.63 22.44
N ASP A 58 8.44 11.63 21.61
CA ASP A 58 7.70 12.91 21.64
C ASP A 58 6.21 12.76 21.31
N LEU A 59 5.85 11.72 20.56
CA LEU A 59 4.44 11.42 20.25
C LEU A 59 3.79 10.52 21.32
N GLY A 60 4.55 10.19 22.37
CA GLY A 60 4.02 9.46 23.51
C GLY A 60 4.35 7.98 23.55
N PHE A 61 5.04 7.48 22.53
CA PHE A 61 5.36 6.07 22.48
C PHE A 61 6.39 5.66 23.54
N GLU A 62 6.24 4.44 24.03
CA GLU A 62 7.26 3.78 24.82
C GLU A 62 8.18 3.05 23.83
N VAL A 63 9.35 3.62 23.57
CA VAL A 63 10.23 3.09 22.54
C VAL A 63 11.20 2.06 23.13
N LYS A 64 11.28 0.90 22.47
CA LYS A 64 12.19 -0.17 22.87
C LYS A 64 13.04 -0.57 21.67
N PHE A 66 16.27 -2.84 19.91
CA PHE A 66 17.05 -4.06 19.94
C PHE A 66 18.04 -4.03 18.80
N ASN A 67 19.30 -4.32 19.11
CA ASN A 67 20.37 -4.13 18.16
C ASN A 67 21.00 -5.46 17.74
N ASP A 68 21.03 -5.69 16.43
CA ASP A 68 21.67 -6.86 15.81
C ASP A 68 21.23 -8.20 16.36
N LEU A 69 19.93 -8.35 16.64
CA LEU A 69 19.40 -9.63 17.10
C LEU A 69 19.49 -10.70 16.01
N LYS A 70 19.77 -11.93 16.43
CA LYS A 70 19.65 -13.08 15.52
C LYS A 70 18.17 -13.33 15.31
N ALA A 71 17.84 -14.07 14.25
CA ALA A 71 16.46 -14.25 13.84
C ALA A 71 15.61 -14.90 14.93
N GLU A 72 16.15 -15.95 15.55
CA GLU A 72 15.47 -16.64 16.67
C GLU A 72 15.16 -15.69 17.81
N GLU A 73 16.12 -14.85 18.17
CA GLU A 73 15.95 -13.85 19.23
C GLU A 73 14.92 -12.79 18.88
N LEU A 74 15.01 -12.29 17.66
CA LEU A 74 14.07 -11.29 17.16
C LEU A 74 12.64 -11.83 17.20
N LEU A 75 12.46 -13.04 16.69
CA LEU A 75 11.13 -13.68 16.63
C LEU A 75 10.55 -13.92 18.02
N LEU A 76 11.40 -14.30 18.96
CA LEU A 76 10.99 -14.45 20.35
C LEU A 76 10.51 -13.10 20.90
N LYS A 77 11.30 -12.06 20.67
CA LYS A 77 10.99 -10.73 21.20
C LYS A 77 9.68 -10.22 20.62
N ILE A 78 9.49 -10.39 19.32
CA ILE A 78 8.27 -9.94 18.67
C ILE A 78 7.06 -10.77 19.14
N HIS A 79 7.24 -12.08 19.31
CA HIS A 79 6.18 -12.92 19.88
CA HIS A 79 6.21 -12.95 19.90
C HIS A 79 5.80 -12.44 21.27
N GLU A 80 6.80 -12.15 22.12
CA GLU A 80 6.60 -11.63 23.48
C GLU A 80 5.69 -10.39 23.47
N VAL A 81 6.05 -9.41 22.65
CA VAL A 81 5.30 -8.15 22.56
C VAL A 81 3.88 -8.37 22.04
N SER A 82 3.72 -9.30 21.10
CA SER A 82 2.40 -9.63 20.56
C SER A 82 1.47 -10.33 21.58
N THR A 83 2.04 -10.91 22.65
CA THR A 83 1.24 -11.65 23.63
C THR A 83 0.95 -10.85 24.90
N VAL A 84 1.72 -9.78 25.16
CA VAL A 84 1.39 -8.87 26.25
C VAL A 84 0.14 -8.07 25.88
N SER A 85 -0.57 -7.58 26.88
CA SER A 85 -1.81 -6.83 26.65
C SER A 85 -1.55 -5.41 26.14
N HIS A 86 -2.28 -5.04 25.09
CA HIS A 86 -2.28 -3.66 24.57
C HIS A 86 -3.61 -2.97 24.85
N ALA A 87 -4.38 -3.52 25.81
CA ALA A 87 -5.72 -3.01 26.12
C ALA A 87 -5.74 -1.52 26.41
N ASP A 88 -4.73 -1.01 27.11
CA ASP A 88 -4.69 0.40 27.49
C ASP A 88 -3.81 1.26 26.57
N ALA A 89 -3.56 0.78 25.36
CA ALA A 89 -2.74 1.45 24.35
C ALA A 89 -3.61 1.92 23.18
N ASP A 90 -3.19 3.03 22.56
CA ASP A 90 -3.82 3.53 21.33
C ASP A 90 -3.49 2.68 20.13
N CYS A 91 -2.24 2.23 20.04
CA CYS A 91 -1.75 1.58 18.82
C CYS A 91 -0.43 0.84 19.06
N PHE A 92 0.15 0.33 17.98
CA PHE A 92 1.43 -0.36 18.03
C PHE A 92 2.27 -0.02 16.81
N VAL A 93 3.56 0.21 17.05
CA VAL A 93 4.51 0.57 16.01
C VAL A 93 5.70 -0.39 16.06
N CYS A 94 6.15 -0.82 14.90
CA CYS A 94 7.28 -1.74 14.82
C CYS A 94 8.15 -1.34 13.62
N VAL A 95 9.41 -1.02 13.90
CA VAL A 95 10.33 -0.52 12.88
C VAL A 95 11.44 -1.55 12.63
N PHE A 96 11.73 -1.80 11.36
CA PHE A 96 12.88 -2.62 10.98
C PHE A 96 13.85 -1.78 10.17
N LEU A 97 15.10 -1.72 10.62
CA LEU A 97 16.17 -1.03 9.92
C LEU A 97 17.24 -2.05 9.59
N SER A 98 17.35 -2.43 8.32
CA SER A 98 18.22 -3.54 7.93
C SER A 98 18.41 -3.63 6.42
N HIS A 99 19.12 -4.67 6.00
CA HIS A 99 19.13 -5.07 4.60
C HIS A 99 17.87 -5.87 4.30
N GLY A 100 17.55 -5.97 3.01
CA GLY A 100 16.43 -6.77 2.55
C GLY A 100 16.48 -7.02 1.05
N GLU A 101 15.60 -7.91 0.61
CA GLU A 101 15.36 -8.17 -0.81
C GLU A 101 14.01 -8.87 -0.87
N GLY A 102 13.34 -8.84 -2.03
CA GLY A 102 12.02 -9.47 -2.18
C GLY A 102 11.04 -9.00 -1.12
N ASN A 103 10.50 -9.93 -0.34
CA ASN A 103 9.58 -9.60 0.75
C ASN A 103 10.13 -9.97 2.13
N HIS A 104 11.46 -9.88 2.28
CA HIS A 104 12.10 -10.22 3.54
C HIS A 104 13.11 -9.16 4.01
N ILE A 105 13.38 -9.16 5.30
CA ILE A 105 14.46 -8.36 5.88
C ILE A 105 15.46 -9.31 6.52
N TYR A 106 16.65 -8.81 6.86
CA TYR A 106 17.67 -9.64 7.48
C TYR A 106 17.79 -9.35 8.96
N ALA A 107 17.79 -10.41 9.77
CA ALA A 107 18.30 -10.35 11.12
C ALA A 107 19.80 -10.57 10.99
N TYR A 108 20.50 -10.68 12.11
CA TYR A 108 21.96 -10.79 12.07
C TYR A 108 22.43 -11.97 11.22
N ASP A 109 21.71 -13.09 11.33
CA ASP A 109 22.16 -14.39 10.80
C ASP A 109 21.28 -14.98 9.68
N ALA A 110 20.08 -14.43 9.48
CA ALA A 110 19.15 -15.04 8.54
C ALA A 110 18.06 -14.08 8.12
N LYS A 111 17.49 -14.33 6.95
CA LYS A 111 16.33 -13.58 6.46
C LYS A 111 15.06 -13.95 7.22
N ILE A 112 14.16 -12.98 7.35
CA ILE A 112 12.83 -13.22 7.89
C ILE A 112 11.83 -12.64 6.91
N GLU A 113 10.81 -13.42 6.55
CA GLU A 113 9.76 -12.92 5.68
C GLU A 113 8.91 -11.95 6.49
N ILE A 114 8.56 -10.82 5.87
CA ILE A 114 7.80 -9.78 6.55
C ILE A 114 6.44 -10.31 7.03
N GLN A 115 5.81 -11.19 6.24
CA GLN A 115 4.51 -11.78 6.63
C GLN A 115 4.57 -12.57 7.95
N THR A 116 5.73 -13.15 8.26
CA THR A 116 5.92 -13.84 9.53
C THR A 116 5.83 -12.89 10.72
N LEU A 117 6.38 -11.69 10.55
CA LEU A 117 6.37 -10.67 11.58
C LEU A 117 4.97 -10.07 11.77
N THR A 118 4.29 -9.78 10.66
CA THR A 118 2.97 -9.13 10.73
C THR A 118 1.86 -10.09 11.19
N GLY A 119 1.99 -11.36 10.82
CA GLY A 119 1.01 -12.39 11.17
C GLY A 119 0.72 -12.54 12.65
N LEU A 120 1.72 -12.26 13.47
CA LEU A 120 1.60 -12.32 14.92
C LEU A 120 0.64 -11.27 15.50
N PHE A 121 0.34 -10.22 14.73
CA PHE A 121 -0.49 -9.13 15.20
C PHE A 121 -1.87 -9.10 14.54
N LYS A 122 -2.18 -10.09 13.70
CA LYS A 122 -3.51 -10.17 13.14
C LYS A 122 -4.54 -10.39 14.25
N GLY A 123 -5.79 -10.04 13.97
CA GLY A 123 -6.83 -9.92 14.99
C GLY A 123 -7.02 -11.15 15.85
N ASP A 124 -7.02 -12.32 15.22
CA ASP A 124 -7.18 -13.58 15.92
C ASP A 124 -5.96 -13.97 16.78
N LYS A 125 -4.78 -13.44 16.44
CA LYS A 125 -3.56 -13.75 17.21
C LYS A 125 -3.29 -12.73 18.32
N CYS A 126 -3.78 -11.50 18.15
CA CYS A 126 -3.54 -10.45 19.13
C CYS A 126 -4.84 -9.68 19.36
N HIS A 127 -5.64 -10.19 20.29
CA HIS A 127 -6.99 -9.66 20.51
C HIS A 127 -6.99 -8.22 21.00
N SER A 128 -6.01 -7.83 21.82
CA SER A 128 -6.01 -6.50 22.42
C SER A 128 -5.62 -5.39 21.46
N LEU A 129 -5.18 -5.73 20.24
CA LEU A 129 -4.94 -4.72 19.21
C LEU A 129 -6.05 -4.69 18.16
N VAL A 130 -7.06 -5.55 18.30
CA VAL A 130 -8.20 -5.52 17.38
C VAL A 130 -8.84 -4.14 17.43
N GLY A 131 -9.02 -3.53 16.26
CA GLY A 131 -9.57 -2.18 16.15
C GLY A 131 -8.56 -1.05 16.33
N LYS A 132 -7.30 -1.41 16.59
CA LYS A 132 -6.26 -0.42 16.80
C LYS A 132 -5.22 -0.47 15.67
N PRO A 133 -4.62 0.68 15.32
CA PRO A 133 -3.60 0.71 14.28
C PRO A 133 -2.36 -0.12 14.61
N LYS A 134 -1.92 -0.91 13.64
CA LYS A 134 -0.71 -1.72 13.76
C LYS A 134 0.21 -1.26 12.64
N ILE A 135 1.25 -0.51 13.01
CA ILE A 135 2.04 0.27 12.06
C ILE A 135 3.45 -0.31 11.94
N PHE A 136 3.78 -0.77 10.74
CA PHE A 136 5.10 -1.32 10.46
C PHE A 136 5.88 -0.39 9.54
N ILE A 137 7.11 -0.12 9.91
CA ILE A 137 7.96 0.83 9.17
C ILE A 137 9.24 0.10 8.81
N ILE A 138 9.56 0.04 7.53
CA ILE A 138 10.65 -0.81 7.05
C ILE A 138 11.64 -0.05 6.18
N GLN A 139 12.81 0.22 6.74
CA GLN A 139 13.93 0.77 5.99
C GLN A 139 14.82 -0.40 5.59
N ALA A 140 14.80 -0.72 4.29
CA ALA A 140 15.53 -1.85 3.73
C ALA A 140 15.38 -1.86 2.22
N CYS A 141 16.37 -2.40 1.52
CA CYS A 141 16.21 -2.63 0.07
C CYS A 141 15.16 -3.71 -0.15
N ARG A 142 14.55 -3.68 -1.33
CA ARG A 142 13.48 -4.61 -1.65
C ARG A 142 13.68 -5.32 -2.98
N GLY A 143 14.90 -5.25 -3.52
CA GLY A 143 15.23 -5.86 -4.80
C GLY A 143 16.48 -5.20 -5.35
N ASN A 144 16.83 -5.51 -6.60
CA ASN A 144 18.08 -5.01 -7.19
C ASN A 144 17.88 -3.98 -8.31
N GLN A 145 16.70 -3.37 -8.38
CA GLN A 145 16.44 -2.32 -9.37
C GLN A 145 16.76 -0.95 -8.77
N HIS A 146 17.49 -0.13 -9.53
CA HIS A 146 17.86 1.18 -9.06
C HIS A 146 17.01 2.16 -9.83
N ASP A 147 16.07 2.82 -9.16
CA ASP A 147 15.09 3.65 -9.87
C ASP A 147 15.79 4.82 -10.55
N VAL A 148 15.32 5.18 -11.73
CA VAL A 148 15.95 6.20 -12.54
C VAL A 148 15.17 7.50 -12.46
N PRO A 149 15.87 8.64 -12.69
CA PRO A 149 15.20 9.93 -12.70
C PRO A 149 14.50 10.20 -14.02
N VAL A 150 13.32 10.80 -13.93
CA VAL A 150 12.57 11.28 -15.08
C VAL A 150 12.13 12.71 -14.77
N ILE A 151 11.67 13.42 -15.81
CA ILE A 151 11.08 14.76 -15.65
C ILE A 151 9.71 14.80 -16.33
N PRO A 152 8.82 15.69 -15.85
CA PRO A 152 7.53 15.82 -16.52
C PRO A 152 7.66 16.56 -17.85
N LEU A 153 6.69 16.37 -18.74
CA LEU A 153 6.68 17.08 -20.02
C LEU A 153 6.20 18.52 -19.82
N TYR B 6 -20.78 -4.31 14.04
CA TYR B 6 -20.14 -5.16 13.04
C TYR B 6 -18.90 -5.85 13.59
N THR B 7 -18.60 -7.05 13.06
CA THR B 7 -17.32 -7.70 13.30
C THR B 7 -16.26 -7.05 12.40
N LEU B 8 -15.00 -7.32 12.69
CA LEU B 8 -13.87 -6.80 11.90
C LEU B 8 -13.08 -7.94 11.27
N PRO B 9 -12.52 -7.72 10.06
CA PRO B 9 -11.61 -8.74 9.54
C PRO B 9 -10.35 -8.78 10.39
N ALA B 10 -9.82 -9.98 10.59
CA ALA B 10 -8.58 -10.18 11.35
C ALA B 10 -7.37 -9.52 10.66
N GLY B 11 -7.50 -9.23 9.37
CA GLY B 11 -6.44 -8.56 8.63
C GLY B 11 -6.48 -7.03 8.67
N ALA B 12 -7.47 -6.46 9.34
CA ALA B 12 -7.73 -5.02 9.27
C ALA B 12 -6.83 -4.16 10.18
N ASP B 13 -6.71 -2.90 9.81
CA ASP B 13 -6.06 -1.86 10.62
C ASP B 13 -4.53 -1.98 10.70
N PHE B 14 -3.95 -2.59 9.66
CA PHE B 14 -2.50 -2.58 9.45
C PHE B 14 -2.12 -1.41 8.55
N LEU B 15 -0.96 -0.81 8.83
CA LEU B 15 -0.37 0.20 7.95
C LEU B 15 1.11 -0.18 7.74
N MET B 16 1.45 -0.52 6.50
CA MET B 16 2.80 -0.97 6.15
C MET B 16 3.51 0.15 5.43
N CYS B 17 4.53 0.71 6.09
CA CYS B 17 5.23 1.87 5.58
C CYS B 17 6.63 1.47 5.11
N TYR B 18 6.82 1.43 3.80
CA TYR B 18 8.11 1.03 3.21
C TYR B 18 8.91 2.22 2.72
N SER B 19 10.22 2.16 2.89
CA SER B 19 11.10 3.24 2.46
C SER B 19 11.18 3.37 0.94
N VAL B 20 10.88 2.29 0.24
CA VAL B 20 10.89 2.29 -1.22
C VAL B 20 9.82 1.34 -1.76
N ALA B 21 9.39 1.62 -2.98
CA ALA B 21 8.46 0.75 -3.69
C ALA B 21 9.07 -0.63 -3.94
N GLU B 22 8.23 -1.57 -4.34
CA GLU B 22 8.65 -2.96 -4.49
C GLU B 22 9.77 -3.11 -5.52
N GLY B 23 10.72 -3.99 -5.23
CA GLY B 23 11.78 -4.36 -6.17
C GLY B 23 13.00 -3.45 -6.25
N TYR B 24 13.03 -2.38 -5.46
CA TYR B 24 14.04 -1.33 -5.63
C TYR B 24 15.06 -1.28 -4.50
N TYR B 25 16.24 -0.73 -4.83
CA TYR B 25 17.19 -0.30 -3.81
C TYR B 25 16.63 0.88 -2.99
N SER B 26 17.02 0.92 -1.72
CA SER B 26 16.77 2.05 -0.84
C SER B 26 18.11 2.64 -0.40
N HIS B 27 18.14 3.95 -0.16
CA HIS B 27 19.39 4.68 0.08
C HIS B 27 19.59 5.10 1.52
N ARG B 28 20.85 5.08 1.95
CA ARG B 28 21.25 5.42 3.31
C ARG B 28 22.53 6.25 3.27
N GLU B 29 22.50 7.42 3.93
CA GLU B 29 23.70 8.24 4.09
C GLU B 29 24.48 7.76 5.31
N THR B 30 25.80 7.64 5.16
CA THR B 30 26.64 7.03 6.20
C THR B 30 26.66 7.80 7.54
N VAL B 31 26.42 9.10 7.51
CA VAL B 31 26.38 9.90 8.74
C VAL B 31 24.96 10.30 9.15
N ASN B 32 24.17 10.82 8.20
CA ASN B 32 22.84 11.34 8.52
C ASN B 32 21.75 10.27 8.68
N GLY B 33 22.00 9.08 8.13
CA GLY B 33 21.01 8.00 8.14
C GLY B 33 20.33 7.87 6.81
N SER B 34 19.28 7.04 6.76
CA SER B 34 18.60 6.76 5.51
C SER B 34 17.79 7.96 5.04
N TRP B 35 17.62 8.07 3.72
CA TRP B 35 16.80 9.14 3.13
C TRP B 35 15.42 9.12 3.76
N TYR B 36 14.81 7.94 3.78
CA TYR B 36 13.43 7.79 4.23
C TYR B 36 13.24 8.13 5.70
N ILE B 37 14.08 7.57 6.57
CA ILE B 37 13.93 7.82 8.00
C ILE B 37 14.25 9.27 8.35
N GLN B 38 15.24 9.87 7.69
CA GLN B 38 15.51 11.31 7.86
C GLN B 38 14.27 12.13 7.55
N ASP B 39 13.65 11.89 6.40
CA ASP B 39 12.47 12.66 5.99
C ASP B 39 11.22 12.30 6.78
N LEU B 40 11.05 11.03 7.13
CA LEU B 40 9.96 10.63 8.03
C LEU B 40 10.08 11.39 9.35
N CYS B 41 11.28 11.40 9.91
CA CYS B 41 11.48 12.02 11.22
C CYS B 41 11.31 13.54 11.17
N GLU B 42 11.73 14.17 10.09
CA GLU B 42 11.52 15.60 9.93
C GLU B 42 10.02 15.92 9.89
N MET B 43 9.27 15.14 9.13
CA MET B 43 7.82 15.32 9.03
C MET B 43 7.13 14.99 10.36
N LEU B 44 7.62 13.99 11.09
CA LEU B 44 7.07 13.68 12.41
C LEU B 44 7.29 14.86 13.35
N GLY B 45 8.50 15.39 13.38
CA GLY B 45 8.82 16.55 14.20
C GLY B 45 7.93 17.74 13.93
N LYS B 46 7.69 18.01 12.65
CA LYS B 46 6.92 19.18 12.21
C LYS B 46 5.41 18.97 12.27
N TYR B 47 4.95 17.81 11.82
CA TYR B 47 3.51 17.56 11.59
C TYR B 47 2.92 16.37 12.35
N GLY B 48 3.75 15.55 13.01
CA GLY B 48 3.28 14.32 13.65
C GLY B 48 2.10 14.54 14.58
N SER B 49 2.16 15.62 15.37
CA SER B 49 1.15 15.92 16.36
C SER B 49 -0.11 16.60 15.79
N SER B 50 -0.18 16.85 14.48
CA SER B 50 -1.35 17.53 13.91
C SER B 50 -1.95 16.89 12.66
N LEU B 51 -1.12 16.52 11.69
CA LEU B 51 -1.65 15.96 10.45
C LEU B 51 -2.08 14.50 10.58
N GLU B 52 -3.00 14.10 9.73
CA GLU B 52 -3.39 12.69 9.64
C GLU B 52 -2.16 11.92 9.15
N PHE B 53 -1.97 10.70 9.65
CA PHE B 53 -0.69 10.00 9.46
C PHE B 53 -0.41 9.58 8.01
N THR B 54 -1.43 9.14 7.28
CA THR B 54 -1.23 8.81 5.86
C THR B 54 -0.96 10.07 5.04
N GLU B 55 -1.58 11.18 5.45
CA GLU B 55 -1.32 12.50 4.87
C GLU B 55 0.16 12.86 5.06
N LEU B 56 0.65 12.67 6.29
CA LEU B 56 2.06 12.86 6.61
C LEU B 56 2.98 11.94 5.79
N LEU B 57 2.62 10.65 5.66
CA LEU B 57 3.43 9.71 4.87
C LEU B 57 3.51 10.12 3.40
N THR B 58 2.45 10.74 2.89
CA THR B 58 2.45 11.25 1.51
C THR B 58 3.47 12.39 1.34
N LEU B 59 3.59 13.24 2.35
CA LEU B 59 4.60 14.29 2.36
C LEU B 59 5.99 13.68 2.34
N VAL B 60 6.16 12.60 3.10
CA VAL B 60 7.42 11.85 3.10
C VAL B 60 7.73 11.31 1.70
N ASN B 61 6.72 10.73 1.04
CA ASN B 61 6.87 10.29 -0.37
C ASN B 61 7.44 11.41 -1.25
N ARG B 62 6.90 12.62 -1.09
CA ARG B 62 7.37 13.78 -1.88
C ARG B 62 8.81 14.16 -1.52
N LYS B 63 9.11 14.24 -0.23
CA LYS B 63 10.46 14.60 0.22
C LYS B 63 11.51 13.62 -0.32
N VAL B 64 11.26 12.32 -0.14
CA VAL B 64 12.21 11.32 -0.60
C VAL B 64 12.35 11.34 -2.13
N SER B 65 11.25 11.57 -2.84
CA SER B 65 11.25 11.64 -4.30
CA SER B 65 11.26 11.63 -4.30
C SER B 65 12.10 12.79 -4.84
N GLN B 66 12.29 13.85 -4.04
CA GLN B 66 13.10 15.00 -4.43
C GLN B 66 14.60 14.73 -4.35
N ARG B 67 14.99 13.74 -3.54
CA ARG B 67 16.40 13.41 -3.36
C ARG B 67 16.95 12.66 -4.58
N ARG B 68 18.27 12.69 -4.70
CA ARG B 68 18.98 11.95 -5.74
C ARG B 68 20.38 11.58 -5.27
N VAL B 69 20.97 10.56 -5.88
CA VAL B 69 22.35 10.20 -5.58
C VAL B 69 23.24 11.27 -6.18
N ASP B 70 23.77 12.16 -5.34
CA ASP B 70 24.51 13.33 -5.82
C ASP B 70 25.93 12.98 -6.23
N PHE B 71 26.56 12.10 -5.45
CA PHE B 71 27.89 11.60 -5.75
C PHE B 71 27.93 10.08 -5.53
N LYS B 73 30.82 6.50 -6.35
CA LYS B 73 31.98 5.86 -7.00
C LYS B 73 31.60 5.24 -8.34
N ASP B 74 30.41 4.66 -8.42
CA ASP B 74 29.85 4.15 -9.67
C ASP B 74 29.13 5.31 -10.38
N PRO B 75 29.72 5.83 -11.48
CA PRO B 75 29.07 6.96 -12.15
C PRO B 75 27.68 6.66 -12.74
N SER B 76 27.38 5.38 -12.97
CA SER B 76 26.06 5.00 -13.48
C SER B 76 24.95 5.17 -12.44
N ALA B 77 25.32 5.16 -11.17
CA ALA B 77 24.38 5.34 -10.05
C ALA B 77 24.10 6.82 -9.72
N ILE B 78 24.88 7.72 -10.31
CA ILE B 78 24.70 9.15 -10.07
C ILE B 78 23.33 9.59 -10.60
N GLY B 79 22.58 10.28 -9.74
CA GLY B 79 21.27 10.79 -10.09
C GLY B 79 20.13 9.81 -9.86
N LYS B 80 20.43 8.59 -9.42
CA LYS B 80 19.40 7.60 -9.15
C LYS B 80 18.44 8.04 -8.03
N LYS B 81 17.30 7.37 -7.97
CA LYS B 81 16.13 7.87 -7.24
C LYS B 81 15.45 6.79 -6.38
N GLN B 82 14.46 7.24 -5.61
CA GLN B 82 13.74 6.39 -4.67
C GLN B 82 12.37 7.02 -4.39
N VAL B 83 11.30 6.25 -4.56
CA VAL B 83 9.98 6.66 -4.05
C VAL B 83 9.54 5.65 -2.99
N PRO B 84 9.17 6.14 -1.79
CA PRO B 84 8.60 5.24 -0.79
C PRO B 84 7.20 4.76 -1.17
N PHE B 86 3.55 3.24 0.93
CA PHE B 86 2.83 2.77 2.10
C PHE B 86 1.53 2.08 1.70
N ALA B 87 1.19 1.02 2.42
CA ALA B 87 -0.03 0.23 2.18
C ALA B 87 -0.97 0.34 3.37
N SER B 88 -2.18 0.84 3.12
CA SER B 88 -3.16 1.03 4.19
C SER B 88 -4.32 0.05 4.13
N MET B 89 -4.48 -0.67 5.23
CA MET B 89 -5.68 -1.43 5.54
C MET B 89 -6.40 -0.75 6.72
N LEU B 90 -6.10 0.53 6.93
CA LEU B 90 -6.75 1.31 7.97
C LEU B 90 -8.19 1.60 7.57
N THR B 91 -9.05 1.77 8.57
CA THR B 91 -10.48 1.98 8.36
C THR B 91 -10.95 3.36 8.83
N LYS B 92 -10.04 4.14 9.41
CA LYS B 92 -10.38 5.45 9.98
C LYS B 92 -9.19 6.39 9.83
N LYS B 93 -9.42 7.68 10.07
CA LYS B 93 -8.35 8.68 10.16
C LYS B 93 -7.49 8.42 11.40
N LEU B 94 -6.17 8.57 11.24
CA LEU B 94 -5.23 8.35 12.32
C LEU B 94 -4.50 9.65 12.65
N HIS B 95 -4.65 10.12 13.88
CA HIS B 95 -3.92 11.28 14.39
C HIS B 95 -3.16 10.93 15.66
N PHE B 96 -2.09 11.69 15.91
CA PHE B 96 -1.32 11.59 17.16
C PHE B 96 -1.34 12.95 17.86
N PHE B 97 -2.53 13.44 18.16
CA PHE B 97 -2.67 14.68 18.93
C PHE B 97 -2.04 14.50 20.32
N PRO B 98 -1.47 15.58 20.89
CA PRO B 98 -0.89 15.45 22.23
C PRO B 98 -1.89 14.84 23.20
N LYS B 99 -1.44 13.84 23.97
CA LYS B 99 -2.31 13.14 24.91
C LYS B 99 -2.46 13.94 26.20
N PHE C 9 7.67 24.33 1.10
CA PHE C 9 7.04 22.98 1.16
C PHE C 9 5.63 23.09 1.74
N ASP C 10 4.63 22.83 0.91
CA ASP C 10 3.23 23.02 1.26
C ASP C 10 2.55 21.67 1.55
N PRO C 11 2.15 21.43 2.81
CA PRO C 11 1.50 20.16 3.13
C PRO C 11 0.15 19.98 2.41
N ALA C 12 -0.47 21.08 1.98
CA ALA C 12 -1.74 21.06 1.28
C ALA C 12 -1.62 20.86 -0.24
N GLU C 13 -0.40 20.68 -0.75
CA GLU C 13 -0.20 20.64 -2.20
C GLU C 13 -0.98 19.50 -2.85
N LYS C 14 -1.65 19.82 -3.95
CA LYS C 14 -2.46 18.88 -4.71
C LYS C 14 -1.86 18.70 -6.09
N TYR C 15 -2.06 17.52 -6.68
CA TYR C 15 -1.77 17.34 -8.10
C TYR C 15 -2.56 18.38 -8.90
N LYS C 16 -1.92 18.94 -9.92
CA LYS C 16 -2.59 19.78 -10.91
C LYS C 16 -3.53 18.93 -11.74
N MET C 17 -4.83 19.23 -11.66
CA MET C 17 -5.86 18.46 -12.35
C MET C 17 -6.66 19.39 -13.27
N ASP C 18 -5.92 20.23 -14.00
CA ASP C 18 -6.53 21.27 -14.83
C ASP C 18 -6.18 21.10 -16.30
N HIS C 19 -5.97 19.86 -16.73
CA HIS C 19 -5.68 19.58 -18.13
C HIS C 19 -6.99 19.56 -18.91
N ARG C 20 -6.90 19.53 -20.23
CA ARG C 20 -8.09 19.50 -21.09
C ARG C 20 -8.99 18.29 -20.80
N ARG C 21 -8.39 17.14 -20.51
CA ARG C 21 -9.13 15.91 -20.22
C ARG C 21 -8.78 15.35 -18.84
N ARG C 22 -9.72 14.64 -18.23
CA ARG C 22 -9.43 13.92 -17.00
C ARG C 22 -8.45 12.80 -17.28
N GLY C 23 -8.74 12.02 -18.33
CA GLY C 23 -7.92 10.89 -18.70
C GLY C 23 -8.76 9.66 -19.00
N ILE C 24 -8.07 8.60 -19.38
CA ILE C 24 -8.70 7.34 -19.70
C ILE C 24 -8.84 6.47 -18.46
N ALA C 25 -9.96 5.76 -18.36
CA ALA C 25 -10.14 4.70 -17.38
C ALA C 25 -10.44 3.42 -18.16
N LEU C 26 -9.52 2.47 -18.12
CA LEU C 26 -9.68 1.18 -18.78
C LEU C 26 -10.26 0.19 -17.81
N ILE C 27 -11.24 -0.60 -18.28
CA ILE C 27 -11.80 -1.68 -17.47
C ILE C 27 -11.66 -3.00 -18.20
N PHE C 28 -10.90 -3.92 -17.62
CA PHE C 28 -10.78 -5.27 -18.12
C PHE C 28 -11.69 -6.17 -17.30
N ASN C 29 -12.75 -6.64 -17.95
CA ASN C 29 -13.84 -7.36 -17.29
C ASN C 29 -13.84 -8.82 -17.74
N HIS C 30 -13.61 -9.72 -16.78
CA HIS C 30 -13.46 -11.14 -17.07
C HIS C 30 -14.53 -11.94 -16.34
N GLU C 31 -15.47 -12.50 -17.10
CA GLU C 31 -16.57 -13.28 -16.53
C GLU C 31 -16.38 -14.79 -16.70
N ARG C 32 -15.79 -15.21 -17.82
CA ARG C 32 -15.60 -16.63 -18.13
C ARG C 32 -14.15 -16.88 -18.53
N PHE C 33 -13.70 -18.12 -18.40
CA PHE C 33 -12.29 -18.46 -18.65
C PHE C 33 -12.16 -19.75 -19.43
N PHE C 34 -11.00 -19.92 -20.07
CA PHE C 34 -10.72 -21.11 -20.86
C PHE C 34 -10.89 -22.35 -19.98
N TRP C 35 -11.58 -23.35 -20.51
CA TRP C 35 -12.03 -24.48 -19.69
C TRP C 35 -10.92 -25.20 -18.92
N HIS C 36 -9.72 -25.27 -19.50
CA HIS C 36 -8.60 -25.99 -18.88
C HIS C 36 -8.15 -25.34 -17.57
N LEU C 37 -8.39 -24.04 -17.42
CA LEU C 37 -8.03 -23.33 -16.19
C LEU C 37 -8.94 -23.71 -15.01
N THR C 38 -10.08 -24.33 -15.32
CA THR C 38 -11.08 -24.74 -14.33
C THR C 38 -11.37 -23.65 -13.30
N LEU C 39 -11.59 -22.43 -13.80
CA LEU C 39 -11.95 -21.29 -12.96
C LEU C 39 -13.47 -21.06 -13.01
N PRO C 40 -14.10 -20.85 -11.85
CA PRO C 40 -15.54 -20.63 -11.88
C PRO C 40 -15.88 -19.32 -12.56
N GLU C 41 -17.06 -19.26 -13.16
CA GLU C 41 -17.53 -18.05 -13.81
C GLU C 41 -17.81 -16.98 -12.75
N ARG C 42 -17.72 -15.70 -13.16
CA ARG C 42 -17.78 -14.59 -12.21
C ARG C 42 -19.06 -13.76 -12.40
N ARG C 43 -20.21 -14.41 -12.20
CA ARG C 43 -21.50 -13.72 -12.34
C ARG C 43 -21.56 -12.55 -11.38
N GLY C 44 -22.04 -11.41 -11.86
CA GLY C 44 -22.05 -10.17 -11.09
C GLY C 44 -20.97 -9.20 -11.53
N THR C 45 -19.99 -9.68 -12.29
CA THR C 45 -18.88 -8.81 -12.70
C THR C 45 -19.34 -7.71 -13.65
N ALA C 47 -22.13 -6.12 -13.41
CA ALA C 47 -22.66 -5.07 -12.53
C ALA C 47 -21.54 -4.13 -12.09
N ASP C 48 -20.40 -4.71 -11.67
CA ASP C 48 -19.20 -3.92 -11.35
C ASP C 48 -18.78 -3.03 -12.52
N ARG C 49 -18.69 -3.61 -13.71
CA ARG C 49 -18.27 -2.86 -14.90
C ARG C 49 -19.19 -1.65 -15.13
N ASP C 50 -20.49 -1.87 -15.06
CA ASP C 50 -21.48 -0.81 -15.26
C ASP C 50 -21.38 0.25 -14.15
N ASN C 51 -21.28 -0.21 -12.91
CA ASN C 51 -21.14 0.69 -11.75
C ASN C 51 -19.92 1.60 -11.91
N LEU C 52 -18.78 1.00 -12.27
CA LEU C 52 -17.53 1.73 -12.46
C LEU C 52 -17.63 2.73 -13.60
N THR C 53 -18.22 2.31 -14.71
CA THR C 53 -18.39 3.18 -15.88
C THR C 53 -19.19 4.44 -15.52
N ARG C 54 -20.30 4.25 -14.83
CA ARG C 54 -21.13 5.36 -14.35
C ARG C 54 -20.35 6.32 -13.46
N ARG C 55 -19.74 5.78 -12.42
CA ARG C 55 -19.09 6.62 -11.42
C ARG C 55 -17.85 7.32 -11.95
N PHE C 56 -17.04 6.65 -12.78
CA PHE C 56 -15.86 7.28 -13.35
C PHE C 56 -16.20 8.26 -14.50
N SER C 57 -17.23 7.93 -15.29
CA SER C 57 -17.71 8.86 -16.31
C SER C 57 -18.20 10.16 -15.66
N ASP C 58 -18.90 10.03 -14.54
CA ASP C 58 -19.39 11.20 -13.79
C ASP C 58 -18.27 12.09 -13.26
N LEU C 59 -17.08 11.51 -13.08
CA LEU C 59 -15.89 12.29 -12.67
C LEU C 59 -15.01 12.69 -13.86
N GLY C 60 -15.54 12.59 -15.07
CA GLY C 60 -14.91 13.13 -16.27
C GLY C 60 -14.04 12.17 -17.07
N PHE C 61 -13.91 10.92 -16.59
CA PHE C 61 -13.07 9.94 -17.27
C PHE C 61 -13.70 9.45 -18.58
N GLU C 62 -12.84 9.21 -19.56
CA GLU C 62 -13.18 8.51 -20.79
C GLU C 62 -13.02 7.02 -20.50
N VAL C 63 -14.15 6.35 -20.26
CA VAL C 63 -14.13 4.95 -19.87
C VAL C 63 -14.14 4.04 -21.10
N LYS C 64 -13.21 3.09 -21.13
CA LYS C 64 -13.15 2.06 -22.17
C LYS C 64 -13.15 0.68 -21.49
N PHE C 66 -13.28 -3.72 -21.88
CA PHE C 66 -12.98 -4.89 -22.70
C PHE C 66 -13.34 -6.17 -21.93
N ASN C 67 -14.10 -7.05 -22.58
CA ASN C 67 -14.61 -8.25 -21.93
C ASN C 67 -13.89 -9.52 -22.35
N ASP C 68 -13.38 -10.26 -21.38
CA ASP C 68 -12.78 -11.59 -21.60
C ASP C 68 -11.67 -11.63 -22.65
N LEU C 69 -10.79 -10.62 -22.63
CA LEU C 69 -9.63 -10.64 -23.52
C LEU C 69 -8.66 -11.74 -23.13
N LYS C 70 -8.06 -12.36 -24.15
CA LYS C 70 -6.95 -13.29 -23.92
C LYS C 70 -5.73 -12.47 -23.52
N ALA C 71 -4.73 -13.14 -22.95
CA ALA C 71 -3.58 -12.43 -22.39
C ALA C 71 -2.86 -11.58 -23.44
N GLU C 72 -2.64 -12.16 -24.62
CA GLU C 72 -1.95 -11.45 -25.71
C GLU C 72 -2.71 -10.20 -26.14
N GLU C 73 -4.04 -10.31 -26.21
CA GLU C 73 -4.91 -9.19 -26.57
C GLU C 73 -4.92 -8.10 -25.49
N LEU C 74 -4.98 -8.52 -24.24
CA LEU C 74 -4.99 -7.59 -23.11
C LEU C 74 -3.67 -6.83 -23.06
N LEU C 75 -2.56 -7.57 -23.15
CA LEU C 75 -1.24 -6.97 -23.16
C LEU C 75 -1.05 -5.98 -24.31
N LEU C 76 -1.57 -6.34 -25.49
CA LEU C 76 -1.53 -5.44 -26.64
C LEU C 76 -2.34 -4.15 -26.38
N LYS C 77 -3.55 -4.30 -25.86
CA LYS C 77 -4.39 -3.15 -25.54
C LYS C 77 -3.72 -2.21 -24.54
N ILE C 78 -3.08 -2.80 -23.53
CA ILE C 78 -2.44 -2.02 -22.48
C ILE C 78 -1.12 -1.38 -22.95
N HIS C 79 -0.38 -2.07 -23.82
CA HIS C 79 0.79 -1.44 -24.47
C HIS C 79 0.35 -0.26 -25.33
N GLU C 80 -0.72 -0.43 -26.11
CA GLU C 80 -1.27 0.65 -26.94
C GLU C 80 -1.57 1.91 -26.14
N VAL C 81 -2.28 1.76 -25.02
CA VAL C 81 -2.67 2.90 -24.20
CA VAL C 81 -2.68 2.90 -24.20
C VAL C 81 -1.46 3.54 -23.53
N SER C 82 -0.45 2.73 -23.22
CA SER C 82 0.79 3.23 -22.61
C SER C 82 1.66 4.04 -23.59
N THR C 83 1.43 3.86 -24.90
CA THR C 83 2.22 4.57 -25.91
C THR C 83 1.53 5.82 -26.48
N VAL C 84 0.20 5.85 -26.42
CA VAL C 84 -0.55 7.05 -26.83
C VAL C 84 -0.22 8.18 -25.86
N SER C 85 -0.32 9.43 -26.32
CA SER C 85 0.03 10.58 -25.48
C SER C 85 -1.06 10.90 -24.45
N HIS C 86 -0.64 11.03 -23.19
CA HIS C 86 -1.51 11.46 -22.10
C HIS C 86 -1.19 12.89 -21.68
N ALA C 87 -0.55 13.64 -22.58
CA ALA C 87 -0.06 14.99 -22.27
C ALA C 87 -1.17 15.94 -21.81
N ASP C 88 -2.36 15.81 -22.40
CA ASP C 88 -3.48 16.68 -22.04
C ASP C 88 -4.48 16.01 -21.08
N ALA C 89 -4.03 14.99 -20.34
CA ALA C 89 -4.86 14.32 -19.34
C ALA C 89 -4.33 14.60 -17.94
N ASP C 90 -5.24 14.55 -16.96
CA ASP C 90 -4.88 14.70 -15.56
C ASP C 90 -4.22 13.43 -15.00
N CYS C 91 -4.68 12.27 -15.46
CA CYS C 91 -4.30 11.00 -14.83
C CYS C 91 -4.70 9.80 -15.66
N PHE C 92 -4.43 8.61 -15.14
CA PHE C 92 -4.76 7.35 -15.80
C PHE C 92 -5.32 6.37 -14.76
N VAL C 93 -6.41 5.71 -15.13
CA VAL C 93 -7.04 4.69 -14.30
C VAL C 93 -7.10 3.38 -15.09
N CYS C 94 -6.79 2.27 -14.42
CA CYS C 94 -6.85 0.95 -15.04
C CYS C 94 -7.43 -0.05 -14.05
N VAL C 95 -8.54 -0.68 -14.43
CA VAL C 95 -9.26 -1.57 -13.55
C VAL C 95 -9.23 -3.01 -14.09
N PHE C 96 -8.99 -3.97 -13.19
CA PHE C 96 -9.05 -5.39 -13.52
C PHE C 96 -10.10 -6.06 -12.65
N LEU C 97 -11.02 -6.75 -13.30
CA LEU C 97 -12.08 -7.51 -12.64
C LEU C 97 -11.93 -8.96 -13.08
N SER C 98 -11.38 -9.80 -12.23
CA SER C 98 -11.07 -11.18 -12.61
C SER C 98 -10.75 -12.04 -11.40
N HIS C 99 -10.37 -13.29 -11.66
CA HIS C 99 -9.77 -14.14 -10.65
C HIS C 99 -8.30 -13.81 -10.51
N GLY C 100 -7.71 -14.27 -9.43
CA GLY C 100 -6.30 -14.07 -9.17
C GLY C 100 -5.80 -14.92 -8.02
N GLU C 101 -4.49 -14.89 -7.82
CA GLU C 101 -3.79 -15.55 -6.72
C GLU C 101 -2.40 -14.97 -6.70
N GLY C 102 -1.70 -15.04 -5.56
CA GLY C 102 -0.35 -14.48 -5.46
C GLY C 102 -0.36 -13.02 -5.92
N ASN C 103 0.49 -12.69 -6.90
CA ASN C 103 0.47 -11.33 -7.48
CA ASN C 103 0.55 -11.35 -7.49
C ASN C 103 0.16 -11.34 -8.97
N HIS C 104 -0.78 -12.21 -9.35
CA HIS C 104 -1.26 -12.25 -10.72
C HIS C 104 -2.78 -12.16 -10.79
N ILE C 105 -3.27 -11.75 -11.95
CA ILE C 105 -4.68 -11.85 -12.31
C ILE C 105 -4.78 -12.77 -13.52
N TYR C 106 -5.99 -13.23 -13.82
CA TYR C 106 -6.23 -14.04 -15.01
C TYR C 106 -6.84 -13.23 -16.15
N ALA C 107 -6.22 -13.35 -17.33
CA ALA C 107 -6.91 -13.06 -18.57
C ALA C 107 -7.75 -14.31 -18.89
N TYR C 108 -8.38 -14.34 -20.06
CA TYR C 108 -9.23 -15.48 -20.42
C TYR C 108 -8.50 -16.83 -20.37
N ASP C 109 -7.24 -16.82 -20.83
CA ASP C 109 -6.49 -18.05 -21.15
C ASP C 109 -5.23 -18.27 -20.30
N ALA C 110 -4.81 -17.26 -19.54
CA ALA C 110 -3.57 -17.35 -18.81
C ALA C 110 -3.46 -16.27 -17.75
N LYS C 111 -2.61 -16.52 -16.75
CA LYS C 111 -2.33 -15.53 -15.73
C LYS C 111 -1.34 -14.48 -16.25
N ILE C 112 -1.45 -13.28 -15.70
CA ILE C 112 -0.55 -12.17 -15.99
C ILE C 112 -0.11 -11.60 -14.66
N GLU C 113 1.20 -11.41 -14.49
CA GLU C 113 1.70 -10.81 -13.25
C GLU C 113 1.39 -9.31 -13.27
N ILE C 114 0.95 -8.79 -12.13
CA ILE C 114 0.52 -7.39 -12.06
C ILE C 114 1.67 -6.44 -12.41
N GLN C 115 2.89 -6.78 -11.99
CA GLN C 115 4.08 -5.97 -12.34
C GLN C 115 4.26 -5.79 -13.84
N THR C 116 3.88 -6.79 -14.64
CA THR C 116 3.97 -6.69 -16.09
C THR C 116 3.06 -5.59 -16.64
N LEU C 117 1.93 -5.38 -15.99
CA LEU C 117 0.96 -4.37 -16.41
C LEU C 117 1.37 -2.98 -15.96
N THR C 118 1.81 -2.85 -14.71
CA THR C 118 2.21 -1.55 -14.17
C THR C 118 3.52 -1.03 -14.75
N GLY C 119 4.42 -1.95 -15.11
CA GLY C 119 5.74 -1.61 -15.65
C GLY C 119 5.71 -0.69 -16.87
N LEU C 120 4.70 -0.87 -17.72
CA LEU C 120 4.54 -0.09 -18.95
C LEU C 120 4.23 1.38 -18.70
N PHE C 121 3.83 1.71 -17.47
CA PHE C 121 3.46 3.07 -17.13
C PHE C 121 4.47 3.77 -16.24
N LYS C 122 5.57 3.10 -15.93
CA LYS C 122 6.65 3.76 -15.20
C LYS C 122 7.18 4.96 -16.01
N GLY C 123 7.81 5.90 -15.30
CA GLY C 123 8.18 7.20 -15.87
C GLY C 123 9.00 7.13 -17.13
N ASP C 124 9.98 6.22 -17.15
CA ASP C 124 10.87 6.07 -18.30
C ASP C 124 10.18 5.40 -19.50
N LYS C 125 9.10 4.66 -19.25
CA LYS C 125 8.33 3.99 -20.31
C LYS C 125 7.17 4.84 -20.81
N CYS C 126 6.65 5.74 -19.98
CA CYS C 126 5.51 6.55 -20.34
C CYS C 126 5.71 8.00 -19.89
N HIS C 127 6.40 8.76 -20.74
CA HIS C 127 6.83 10.11 -20.39
C HIS C 127 5.66 11.06 -20.10
N SER C 128 4.56 10.90 -20.85
CA SER C 128 3.44 11.83 -20.76
C SER C 128 2.57 11.65 -19.50
N LEU C 129 2.81 10.59 -18.73
CA LEU C 129 2.18 10.45 -17.41
C LEU C 129 3.14 10.74 -16.24
N VAL C 130 4.37 11.14 -16.53
CA VAL C 130 5.31 11.50 -15.46
C VAL C 130 4.75 12.69 -14.68
N GLY C 131 4.72 12.58 -13.35
CA GLY C 131 4.13 13.61 -12.49
C GLY C 131 2.62 13.47 -12.30
N LYS C 132 2.02 12.49 -12.97
CA LYS C 132 0.56 12.31 -12.96
C LYS C 132 0.17 10.99 -12.29
N PRO C 133 -0.94 11.01 -11.52
CA PRO C 133 -1.41 9.79 -10.87
C PRO C 133 -1.69 8.66 -11.84
N LYS C 134 -1.15 7.49 -11.55
CA LYS C 134 -1.43 6.27 -12.31
C LYS C 134 -2.10 5.30 -11.34
N ILE C 135 -3.39 5.08 -11.54
CA ILE C 135 -4.25 4.44 -10.54
C ILE C 135 -4.72 3.09 -11.05
N PHE C 136 -4.37 2.04 -10.34
CA PHE C 136 -4.76 0.67 -10.69
C PHE C 136 -5.70 0.13 -9.63
N ILE C 137 -6.80 -0.48 -10.09
CA ILE C 137 -7.83 -0.99 -9.20
C ILE C 137 -8.07 -2.46 -9.55
N ILE C 138 -7.92 -3.33 -8.56
CA ILE C 138 -7.92 -4.77 -8.80
C ILE C 138 -8.93 -5.49 -7.91
N GLN C 139 -10.02 -5.95 -8.53
CA GLN C 139 -10.97 -6.85 -7.89
C GLN C 139 -10.64 -8.27 -8.35
N ALA C 140 -10.07 -9.04 -7.41
CA ALA C 140 -9.62 -10.40 -7.65
C ALA C 140 -9.17 -11.00 -6.32
N CYS C 141 -9.29 -12.31 -6.19
CA CYS C 141 -8.68 -13.01 -5.07
C CYS C 141 -7.16 -12.89 -5.15
N ARG C 142 -6.50 -13.04 -4.01
CA ARG C 142 -5.05 -12.85 -3.92
C ARG C 142 -4.35 -14.01 -3.20
N GLY C 143 -5.07 -15.11 -3.01
CA GLY C 143 -4.59 -16.25 -2.25
C GLY C 143 -5.75 -17.06 -1.71
N ASN C 144 -5.45 -18.06 -0.89
CA ASN C 144 -6.46 -19.00 -0.42
C ASN C 144 -6.87 -18.87 1.06
N GLN C 145 -6.48 -17.77 1.71
CA GLN C 145 -6.87 -17.52 3.10
CA GLN C 145 -6.86 -17.51 3.10
C GLN C 145 -8.21 -16.81 3.15
N HIS C 146 -9.10 -17.29 4.01
CA HIS C 146 -10.42 -16.66 4.17
C HIS C 146 -10.40 -15.93 5.51
N ASP C 147 -10.43 -14.61 5.47
CA ASP C 147 -10.20 -13.83 6.68
C ASP C 147 -11.34 -14.05 7.68
N VAL C 148 -10.98 -14.15 8.96
CA VAL C 148 -11.97 -14.48 9.99
C VAL C 148 -12.43 -13.21 10.70
N PRO C 149 -13.66 -13.24 11.25
CA PRO C 149 -14.16 -12.12 12.04
C PRO C 149 -13.58 -12.10 13.44
N VAL C 150 -13.27 -10.90 13.92
CA VAL C 150 -12.87 -10.66 15.30
C VAL C 150 -13.66 -9.47 15.85
N ILE C 151 -13.61 -9.30 17.16
CA ILE C 151 -14.21 -8.15 17.83
C ILE C 151 -13.17 -7.46 18.72
N PRO C 152 -13.32 -6.14 18.92
CA PRO C 152 -12.44 -5.47 19.88
C PRO C 152 -12.78 -5.89 21.31
N LEU C 153 -11.79 -5.79 22.20
CA LEU C 153 -12.02 -6.12 23.62
C LEU C 153 -12.71 -4.97 24.33
N TYR D 6 13.61 19.61 -9.03
CA TYR D 6 13.96 18.22 -8.74
C TYR D 6 13.54 17.27 -9.86
N THR D 7 14.29 16.20 -10.06
CA THR D 7 13.83 15.08 -10.89
C THR D 7 12.86 14.22 -10.09
N LEU D 8 12.19 13.29 -10.76
CA LEU D 8 11.25 12.37 -10.13
C LEU D 8 11.69 10.92 -10.31
N PRO D 9 11.44 10.06 -9.30
CA PRO D 9 11.66 8.63 -9.49
C PRO D 9 10.71 8.07 -10.55
N ALA D 10 11.21 7.17 -11.40
CA ALA D 10 10.38 6.57 -12.46
C ALA D 10 9.23 5.75 -11.86
N GLY D 11 9.35 5.33 -10.60
CA GLY D 11 8.32 4.54 -9.92
C GLY D 11 7.26 5.36 -9.17
N ALA D 12 7.38 6.68 -9.18
CA ALA D 12 6.50 7.54 -8.38
C ALA D 12 5.10 7.74 -8.96
N ASP D 13 4.20 8.17 -8.07
CA ASP D 13 2.84 8.58 -8.41
C ASP D 13 1.95 7.43 -8.89
N PHE D 14 2.27 6.21 -8.46
CA PHE D 14 1.38 5.05 -8.60
C PHE D 14 0.48 4.93 -7.35
N LEU D 15 -0.75 4.47 -7.57
CA LEU D 15 -1.67 4.15 -6.48
C LEU D 15 -2.34 2.83 -6.83
N MET D 16 -2.03 1.80 -6.04
CA MET D 16 -2.51 0.45 -6.31
C MET D 16 -3.63 0.14 -5.34
N CYS D 17 -4.84 -0.03 -5.86
CA CYS D 17 -6.02 -0.20 -5.04
C CYS D 17 -6.54 -1.63 -5.17
N TYR D 18 -6.36 -2.44 -4.12
CA TYR D 18 -6.78 -3.84 -4.14
C TYR D 18 -8.04 -4.07 -3.32
N SER D 19 -8.89 -4.96 -3.79
CA SER D 19 -10.13 -5.28 -3.11
C SER D 19 -9.91 -5.98 -1.78
N VAL D 20 -8.76 -6.62 -1.63
CA VAL D 20 -8.42 -7.33 -0.41
C VAL D 20 -6.93 -7.28 -0.15
N ALA D 21 -6.56 -7.42 1.12
CA ALA D 21 -5.17 -7.54 1.52
C ALA D 21 -4.51 -8.77 0.91
N GLU D 22 -3.20 -8.84 1.03
CA GLU D 22 -2.43 -9.92 0.41
C GLU D 22 -2.80 -11.28 0.96
N GLY D 23 -2.91 -12.26 0.08
CA GLY D 23 -3.11 -13.65 0.45
C GLY D 23 -4.55 -14.12 0.65
N TYR D 24 -5.51 -13.20 0.53
CA TYR D 24 -6.91 -13.50 0.88
C TYR D 24 -7.87 -13.67 -0.29
N TYR D 25 -8.97 -14.38 -0.04
CA TYR D 25 -10.14 -14.40 -0.90
C TYR D 25 -10.82 -13.02 -0.91
N SER D 26 -11.38 -12.65 -2.05
CA SER D 26 -12.23 -11.46 -2.19
C SER D 26 -13.63 -11.95 -2.54
N HIS D 27 -14.66 -11.19 -2.18
CA HIS D 27 -16.05 -11.63 -2.30
C HIS D 27 -16.84 -10.89 -3.38
N ARG D 28 -17.71 -11.62 -4.06
CA ARG D 28 -18.53 -11.09 -5.14
C ARG D 28 -19.95 -11.61 -4.99
N GLU D 29 -20.91 -10.69 -4.99
CA GLU D 29 -22.34 -11.07 -5.02
C GLU D 29 -22.77 -11.25 -6.47
N THR D 30 -23.58 -12.26 -6.73
CA THR D 30 -23.90 -12.67 -8.08
C THR D 30 -24.77 -11.67 -8.85
N VAL D 31 -25.59 -10.90 -8.13
CA VAL D 31 -26.42 -9.88 -8.77
C VAL D 31 -25.83 -8.48 -8.60
N ASN D 32 -25.46 -8.11 -7.37
CA ASN D 32 -25.04 -6.75 -7.04
C ASN D 32 -23.60 -6.41 -7.44
N GLY D 33 -22.76 -7.42 -7.62
CA GLY D 33 -21.34 -7.23 -7.89
C GLY D 33 -20.47 -7.46 -6.68
N SER D 34 -19.18 -7.15 -6.79
CA SER D 34 -18.25 -7.40 -5.69
C SER D 34 -18.48 -6.45 -4.52
N TRP D 35 -18.17 -6.92 -3.31
CA TRP D 35 -18.25 -6.08 -2.11
C TRP D 35 -17.49 -4.78 -2.33
N TYR D 36 -16.26 -4.91 -2.81
CA TYR D 36 -15.32 -3.79 -2.92
C TYR D 36 -15.74 -2.77 -3.97
N ILE D 37 -16.08 -3.23 -5.17
CA ILE D 37 -16.51 -2.32 -6.23
C ILE D 37 -17.86 -1.64 -5.89
N GLN D 38 -18.77 -2.37 -5.25
CA GLN D 38 -20.02 -1.74 -4.77
C GLN D 38 -19.73 -0.57 -3.82
N ASP D 39 -18.89 -0.83 -2.83
CA ASP D 39 -18.56 0.18 -1.84
C ASP D 39 -17.69 1.31 -2.41
N LEU D 40 -16.74 0.98 -3.27
CA LEU D 40 -15.95 2.00 -3.97
C LEU D 40 -16.88 2.92 -4.77
N CYS D 41 -17.80 2.32 -5.51
CA CYS D 41 -18.70 3.08 -6.36
C CYS D 41 -19.70 3.90 -5.55
N GLU D 42 -20.12 3.40 -4.40
CA GLU D 42 -21.00 4.18 -3.52
C GLU D 42 -20.27 5.45 -3.07
N MET D 43 -19.03 5.29 -2.64
CA MET D 43 -18.23 6.41 -2.16
C MET D 43 -17.88 7.37 -3.30
N LEU D 44 -17.55 6.84 -4.48
CA LEU D 44 -17.30 7.68 -5.65
C LEU D 44 -18.54 8.52 -6.01
N GLY D 45 -19.72 7.91 -5.93
CA GLY D 45 -20.97 8.63 -6.22
C GLY D 45 -21.26 9.75 -5.23
N LYS D 46 -20.99 9.49 -3.95
CA LYS D 46 -21.27 10.45 -2.89
C LYS D 46 -20.18 11.50 -2.74
N TYR D 47 -18.93 11.04 -2.70
CA TYR D 47 -17.78 11.86 -2.30
C TYR D 47 -16.68 12.01 -3.36
N GLY D 48 -16.86 11.39 -4.53
CA GLY D 48 -15.80 11.31 -5.52
C GLY D 48 -15.27 12.66 -6.00
N SER D 49 -16.16 13.65 -6.05
CA SER D 49 -15.82 14.95 -6.61
C SER D 49 -15.19 15.95 -5.63
N SER D 50 -15.14 15.61 -4.34
CA SER D 50 -14.58 16.52 -3.35
C SER D 50 -13.51 15.90 -2.43
N LEU D 51 -13.77 14.71 -1.92
CA LEU D 51 -12.88 14.08 -0.95
C LEU D 51 -11.56 13.65 -1.59
N GLU D 52 -10.46 13.84 -0.87
CA GLU D 52 -9.15 13.35 -1.30
C GLU D 52 -9.27 11.85 -1.52
N PHE D 53 -8.70 11.33 -2.61
CA PHE D 53 -9.01 9.98 -3.04
C PHE D 53 -8.50 8.88 -2.08
N THR D 54 -7.36 9.08 -1.42
CA THR D 54 -6.92 8.09 -0.43
C THR D 54 -7.81 8.11 0.81
N GLU D 55 -8.34 9.28 1.18
CA GLU D 55 -9.34 9.34 2.24
C GLU D 55 -10.56 8.52 1.82
N LEU D 56 -10.98 8.69 0.57
CA LEU D 56 -12.13 7.97 0.04
C LEU D 56 -11.89 6.44 0.09
N LEU D 57 -10.71 6.02 -0.31
CA LEU D 57 -10.34 4.60 -0.27
C LEU D 57 -10.32 4.06 1.17
N THR D 58 -10.00 4.92 2.14
CA THR D 58 -10.03 4.54 3.55
C THR D 58 -11.48 4.29 4.00
N LEU D 59 -12.41 5.14 3.57
CA LEU D 59 -13.83 4.91 3.80
C LEU D 59 -14.30 3.60 3.18
N VAL D 60 -13.80 3.28 1.98
CA VAL D 60 -14.08 1.99 1.35
C VAL D 60 -13.54 0.85 2.22
N ASN D 61 -12.32 0.99 2.75
CA ASN D 61 -11.78 -0.02 3.66
C ASN D 61 -12.75 -0.30 4.81
N ARG D 62 -13.33 0.76 5.38
CA ARG D 62 -14.26 0.61 6.49
C ARG D 62 -15.57 -0.05 6.06
N LYS D 63 -16.12 0.39 4.93
CA LYS D 63 -17.36 -0.21 4.40
C LYS D 63 -17.22 -1.72 4.17
N VAL D 64 -16.15 -2.11 3.47
CA VAL D 64 -15.93 -3.51 3.17
C VAL D 64 -15.69 -4.31 4.46
N SER D 65 -15.01 -3.70 5.42
CA SER D 65 -14.72 -4.35 6.71
C SER D 65 -15.97 -4.68 7.53
N GLN D 66 -17.06 -3.94 7.29
CA GLN D 66 -18.33 -4.16 7.97
C GLN D 66 -19.11 -5.34 7.40
N ARG D 67 -18.82 -5.69 6.15
CA ARG D 67 -19.52 -6.77 5.48
C ARG D 67 -19.09 -8.12 6.03
N ARG D 68 -19.95 -9.11 5.86
CA ARG D 68 -19.64 -10.49 6.23
C ARG D 68 -20.38 -11.45 5.32
N VAL D 69 -19.88 -12.68 5.20
CA VAL D 69 -20.61 -13.71 4.47
C VAL D 69 -21.82 -14.13 5.32
N ASP D 70 -22.99 -13.62 4.94
CA ASP D 70 -24.22 -13.81 5.73
C ASP D 70 -24.83 -15.19 5.54
N PHE D 71 -24.78 -15.71 4.32
CA PHE D 71 -25.20 -17.08 3.99
C PHE D 71 -24.20 -17.74 3.06
N LYS D 73 -23.30 -22.00 1.39
CA LYS D 73 -23.44 -23.47 1.34
C LYS D 73 -22.42 -24.18 2.23
N ASP D 74 -21.23 -23.59 2.37
CA ASP D 74 -20.21 -24.06 3.30
C ASP D 74 -20.39 -23.32 4.63
N PRO D 75 -20.86 -24.02 5.68
CA PRO D 75 -21.15 -23.33 6.95
C PRO D 75 -19.92 -22.74 7.64
N SER D 76 -18.74 -23.29 7.36
CA SER D 76 -17.49 -22.76 7.92
C SER D 76 -17.12 -21.41 7.31
N ALA D 77 -17.68 -21.08 6.14
CA ALA D 77 -17.48 -19.79 5.50
C ALA D 77 -18.40 -18.69 6.05
N ILE D 78 -19.43 -19.07 6.80
CA ILE D 78 -20.39 -18.08 7.30
C ILE D 78 -19.69 -17.12 8.25
N GLY D 79 -19.86 -15.83 7.99
CA GLY D 79 -19.31 -14.79 8.84
C GLY D 79 -17.91 -14.34 8.47
N LYS D 80 -17.32 -14.97 7.45
CA LYS D 80 -15.95 -14.64 7.02
C LYS D 80 -15.91 -13.22 6.44
N LYS D 81 -14.70 -12.68 6.32
CA LYS D 81 -14.50 -11.24 6.18
C LYS D 81 -13.50 -10.85 5.07
N GLN D 82 -13.31 -9.55 4.90
CA GLN D 82 -12.44 -9.01 3.87
C GLN D 82 -12.09 -7.56 4.21
N VAL D 83 -10.79 -7.23 4.26
CA VAL D 83 -10.34 -5.83 4.33
C VAL D 83 -9.56 -5.51 3.04
N PRO D 84 -9.91 -4.41 2.35
CA PRO D 84 -9.14 -4.01 1.18
C PRO D 84 -7.81 -3.41 1.59
N PHE D 86 -4.83 -0.53 -0.05
CA PHE D 86 -4.29 0.32 -1.11
C PHE D 86 -2.86 0.75 -0.80
N ALA D 87 -2.03 0.78 -1.85
CA ALA D 87 -0.62 1.15 -1.72
C ALA D 87 -0.37 2.48 -2.45
N SER D 88 0.13 3.47 -1.72
CA SER D 88 0.36 4.80 -2.29
C SER D 88 1.84 5.14 -2.44
N MET D 89 2.21 5.42 -3.68
CA MET D 89 3.46 6.07 -4.02
C MET D 89 3.17 7.50 -4.53
N LEU D 90 2.00 8.03 -4.17
CA LEU D 90 1.61 9.39 -4.51
C LEU D 90 2.44 10.37 -3.70
N THR D 91 2.64 11.56 -4.27
CA THR D 91 3.45 12.59 -3.63
C THR D 91 2.66 13.83 -3.27
N LYS D 92 1.37 13.88 -3.64
CA LYS D 92 0.52 15.04 -3.41
C LYS D 92 -0.91 14.57 -3.11
N LYS D 93 -1.77 15.50 -2.68
CA LYS D 93 -3.19 15.21 -2.50
C LYS D 93 -3.86 15.08 -3.86
N LEU D 94 -4.78 14.13 -3.99
CA LEU D 94 -5.42 13.82 -5.26
C LEU D 94 -6.92 14.04 -5.13
N HIS D 95 -7.45 14.93 -5.96
CA HIS D 95 -8.87 15.26 -5.97
C HIS D 95 -9.41 15.17 -7.39
N PHE D 96 -10.71 14.90 -7.51
CA PHE D 96 -11.39 14.88 -8.80
C PHE D 96 -12.48 15.97 -8.82
N PHE D 97 -12.06 17.21 -8.64
CA PHE D 97 -12.99 18.34 -8.69
C PHE D 97 -13.57 18.43 -10.11
N PRO D 98 -14.88 18.76 -10.21
CA PRO D 98 -15.48 18.85 -11.54
C PRO D 98 -14.67 19.75 -12.47
N LYS D 99 -14.44 19.30 -13.70
CA LYS D 99 -13.63 20.05 -14.65
C LYS D 99 -14.44 21.13 -15.35
N VAL E 2 26.71 8.04 0.15
CA VAL E 2 25.43 7.35 -0.01
C VAL E 2 25.64 5.87 -0.28
N GLU E 3 24.94 5.03 0.47
CA GLU E 3 25.07 3.58 0.34
C GLU E 3 23.71 2.93 0.06
N ILE E 4 23.77 1.72 -0.48
CA ILE E 4 22.60 0.95 -0.87
C ILE E 4 22.23 -0.04 0.24
N VAL F 2 -23.32 -15.11 -2.40
CA VAL F 2 -21.94 -14.61 -2.31
C VAL F 2 -20.97 -15.67 -2.84
N GLU F 3 -20.07 -15.25 -3.73
CA GLU F 3 -19.09 -16.14 -4.33
C GLU F 3 -17.66 -15.64 -4.09
N ILE F 4 -16.70 -16.53 -4.27
CA ILE F 4 -15.29 -16.26 -4.00
C ILE F 4 -14.53 -16.00 -5.30
#